data_5RHK
#
_entry.id   5RHK
#
_cell.length_a   53.780
_cell.length_b   68.305
_cell.length_c   57.163
_cell.angle_alpha   90.000
_cell.angle_beta   92.580
_cell.angle_gamma   90.000
#
_symmetry.space_group_name_H-M   'P 1 21 1'
#
loop_
_entity.id
_entity.type
_entity.pdbx_description
1 polymer 'NS3 Helicase'
2 non-polymer 1,2-ETHANEDIOL
3 non-polymer 'PHOSPHATE ION'
4 non-polymer (4S)-2-METHYL-2,4-PENTANEDIOL
5 non-polymer N-[4-(2-amino-2-oxoethyl)phenyl]acetamide
6 water water
#
_entity_poly.entity_id   1
_entity_poly.type   'polypeptide(L)'
_entity_poly.pdbx_seq_one_letter_code
;MLKKKQLTVLDLHPGAGKTRRVLPEIVREAIKKRLRTVILAPTRVVAAEMEEALRGLPVRYMTTAVNVTHSGTEIVDLMC
HATFTSRLLQPIRVPNYNLNIMDEAHFTDPSSIAARGYISTRVEMGEAAAIFMTATPPGTRDAFPDSNSPIMDTEVEVPE
RAWSSGFDWVTDHSGKTVWFVPSVRNGNEIAACLTKAGKRVIQLSRKTFETEFQKTKNQEWDFVITTDISEMGANFKADR
VIDSRRCLKPVILDGERVILAGPMPVTHASAAQRRGRIGRNPNKPGDEYMYGGGCAETDEGHAHWLEARMLLDNIYLQDG
LIASLYRPEADKVAAIEGEFKLRTEQRKTFVELMKRGDLPVWLAYQVASAGITYTDRRWCFDGTTNNTIMEDSVPAEVWT
KYGEKRVLKPRWMDARVCSDHAALKSFKEFAAGKR
;
_entity_poly.pdbx_strand_id   A
#
loop_
_chem_comp.id
_chem_comp.type
_chem_comp.name
_chem_comp.formula
EDO non-polymer 1,2-ETHANEDIOL 'C2 H6 O2'
MPD non-polymer (4S)-2-METHYL-2,4-PENTANEDIOL 'C6 H14 O2'
PO4 non-polymer 'PHOSPHATE ION' 'O4 P -3'
UQM non-polymer N-[4-(2-amino-2-oxoethyl)phenyl]acetamide 'C10 H12 N2 O2'
#
# COMPACT_ATOMS: atom_id res chain seq x y z
N MET A 1 10.42 -13.18 -22.17
CA MET A 1 10.44 -12.17 -21.06
C MET A 1 11.77 -12.27 -20.28
N LEU A 2 12.32 -13.49 -20.16
CA LEU A 2 13.28 -13.86 -19.07
C LEU A 2 14.71 -13.37 -19.37
N LYS A 3 14.92 -12.79 -20.58
CA LYS A 3 16.19 -12.22 -21.14
C LYS A 3 16.69 -11.01 -20.36
N LYS A 4 17.99 -10.93 -20.10
CA LYS A 4 18.58 -9.76 -19.39
C LYS A 4 18.12 -8.50 -20.11
N LYS A 5 18.18 -7.37 -19.41
CA LYS A 5 17.82 -6.02 -19.91
C LYS A 5 16.36 -6.00 -20.40
N GLN A 6 15.48 -6.92 -19.99
CA GLN A 6 14.06 -6.82 -20.40
C GLN A 6 13.19 -6.49 -19.16
N LEU A 7 12.42 -5.40 -19.24
CA LEU A 7 11.30 -5.15 -18.31
C LEU A 7 10.01 -5.33 -19.08
N THR A 8 9.22 -6.34 -18.73
CA THR A 8 7.91 -6.66 -19.34
C THR A 8 6.79 -6.21 -18.41
N VAL A 9 5.79 -5.50 -18.91
CA VAL A 9 4.56 -5.19 -18.16
C VAL A 9 3.52 -6.19 -18.64
N LEU A 10 3.20 -7.13 -17.78
CA LEU A 10 2.14 -8.13 -17.96
C LEU A 10 0.85 -7.47 -17.48
N ASP A 11 0.12 -6.89 -18.45
CA ASP A 11 -1.03 -5.99 -18.22
C ASP A 11 -2.33 -6.69 -18.65
N LEU A 12 -2.43 -7.99 -18.48
CA LEU A 12 -3.74 -8.68 -18.68
C LEU A 12 -4.77 -8.03 -17.74
N HIS A 13 -6.02 -8.04 -18.14
CA HIS A 13 -7.11 -7.41 -17.37
C HIS A 13 -7.27 -8.08 -16.00
N PRO A 14 -7.92 -7.39 -15.05
CA PRO A 14 -8.17 -7.95 -13.71
C PRO A 14 -8.88 -9.30 -13.83
N GLY A 15 -8.40 -10.32 -13.12
CA GLY A 15 -9.00 -11.68 -13.11
C GLY A 15 -8.58 -12.54 -14.31
N ALA A 16 -7.68 -12.07 -15.17
CA ALA A 16 -7.25 -12.78 -16.39
C ALA A 16 -6.34 -13.99 -16.10
N GLY A 17 -5.84 -14.14 -14.87
CA GLY A 17 -5.04 -15.31 -14.42
C GLY A 17 -3.54 -15.02 -14.33
N LYS A 18 -3.15 -13.75 -14.21
CA LYS A 18 -1.71 -13.38 -14.06
C LYS A 18 -1.10 -14.17 -12.88
N THR A 19 -1.75 -14.22 -11.74
CA THR A 19 -1.18 -14.86 -10.53
C THR A 19 -1.36 -16.40 -10.60
N ARG A 20 -2.53 -16.93 -10.94
CA ARG A 20 -2.79 -18.40 -10.79
C ARG A 20 -2.38 -19.18 -12.04
N ARG A 21 -2.29 -18.56 -13.21
CA ARG A 21 -1.97 -19.29 -14.47
C ARG A 21 -0.58 -18.88 -14.97
N VAL A 22 -0.32 -17.59 -15.11
CA VAL A 22 0.91 -17.09 -15.79
C VAL A 22 2.10 -17.22 -14.85
N LEU A 23 1.99 -16.75 -13.61
CA LEU A 23 3.15 -16.78 -12.67
C LEU A 23 3.77 -18.16 -12.56
N PRO A 24 3.03 -19.28 -12.38
CA PRO A 24 3.68 -20.59 -12.23
C PRO A 24 4.44 -20.97 -13.50
N GLU A 25 3.91 -20.63 -14.67
CA GLU A 25 4.63 -20.86 -15.96
C GLU A 25 5.95 -20.09 -15.93
N ILE A 26 5.95 -18.84 -15.48
CA ILE A 26 7.20 -18.01 -15.43
C ILE A 26 8.17 -18.64 -14.43
N VAL A 27 7.70 -19.05 -13.26
CA VAL A 27 8.57 -19.67 -12.24
C VAL A 27 9.17 -21.00 -12.74
N ARG A 28 8.38 -21.89 -13.35
CA ARG A 28 8.93 -23.15 -13.90
C ARG A 28 10.06 -22.84 -14.88
N GLU A 29 9.83 -21.92 -15.82
CA GLU A 29 10.84 -21.53 -16.82
C GLU A 29 12.06 -20.95 -16.13
N ALA A 30 11.89 -20.08 -15.14
CA ALA A 30 13.02 -19.48 -14.41
C ALA A 30 13.89 -20.57 -13.75
N ILE A 31 13.27 -21.57 -13.14
CA ILE A 31 13.99 -22.63 -12.40
C ILE A 31 14.77 -23.46 -13.42
N LYS A 32 14.14 -23.75 -14.56
CA LYS A 32 14.80 -24.53 -15.66
C LYS A 32 16.06 -23.78 -16.11
N LYS A 33 15.97 -22.45 -16.23
CA LYS A 33 17.07 -21.60 -16.72
C LYS A 33 18.02 -21.21 -15.60
N ARG A 34 17.81 -21.68 -14.35
CA ARG A 34 18.70 -21.41 -13.20
C ARG A 34 18.85 -19.89 -13.06
N LEU A 35 17.72 -19.18 -13.16
CA LEU A 35 17.66 -17.73 -12.84
C LEU A 35 17.32 -17.57 -11.36
N ARG A 36 18.18 -16.90 -10.61
CA ARG A 36 17.86 -16.56 -9.22
C ARG A 36 16.73 -15.54 -9.29
N THR A 37 15.57 -15.90 -8.75
CA THR A 37 14.33 -15.14 -8.99
C THR A 37 13.77 -14.64 -7.67
N VAL A 38 13.23 -13.44 -7.68
CA VAL A 38 12.42 -12.93 -6.55
C VAL A 38 11.02 -12.67 -7.08
N ILE A 39 10.03 -13.08 -6.31
CA ILE A 39 8.60 -12.76 -6.51
C ILE A 39 8.20 -11.86 -5.34
N LEU A 40 7.59 -10.71 -5.64
CA LEU A 40 7.19 -9.68 -4.66
C LEU A 40 5.68 -9.61 -4.60
N ALA A 41 5.13 -10.00 -3.46
CA ALA A 41 3.70 -9.93 -3.13
C ALA A 41 3.45 -8.62 -2.41
N PRO A 42 2.32 -7.94 -2.67
CA PRO A 42 2.04 -6.68 -1.98
C PRO A 42 1.73 -6.86 -0.48
N THR A 43 1.13 -8.00 -0.12
CA THR A 43 0.62 -8.30 1.24
C THR A 43 0.89 -9.78 1.58
N ARG A 44 0.86 -10.09 2.87
N ARG A 44 0.80 -10.10 2.87
CA ARG A 44 0.96 -11.47 3.39
CA ARG A 44 0.99 -11.48 3.38
C ARG A 44 -0.21 -12.29 2.86
C ARG A 44 -0.24 -12.33 3.02
N VAL A 45 -1.40 -11.68 2.79
CA VAL A 45 -2.60 -12.36 2.23
C VAL A 45 -2.25 -12.83 0.83
N VAL A 46 -1.68 -11.98 -0.02
CA VAL A 46 -1.35 -12.42 -1.39
C VAL A 46 -0.21 -13.42 -1.37
N ALA A 47 0.76 -13.28 -0.48
CA ALA A 47 1.88 -14.23 -0.37
C ALA A 47 1.30 -15.64 -0.16
N ALA A 48 0.33 -15.77 0.75
CA ALA A 48 -0.34 -17.07 1.05
C ALA A 48 -1.12 -17.58 -0.16
N GLU A 49 -1.82 -16.75 -0.92
CA GLU A 49 -2.49 -17.18 -2.17
C GLU A 49 -1.48 -17.66 -3.20
N MET A 50 -0.33 -17.00 -3.27
CA MET A 50 0.71 -17.40 -4.24
C MET A 50 1.24 -18.79 -3.90
N GLU A 51 1.41 -19.09 -2.61
CA GLU A 51 1.89 -20.42 -2.24
C GLU A 51 0.93 -21.46 -2.86
N GLU A 52 -0.37 -21.18 -2.83
CA GLU A 52 -1.41 -22.13 -3.34
C GLU A 52 -1.24 -22.27 -4.85
N ALA A 53 -0.97 -21.18 -5.56
CA ALA A 53 -0.76 -21.16 -7.03
C ALA A 53 0.56 -21.83 -7.40
N LEU A 54 1.54 -21.81 -6.52
CA LEU A 54 2.90 -22.29 -6.82
C LEU A 54 3.15 -23.61 -6.11
N ARG A 55 2.14 -24.21 -5.50
CA ARG A 55 2.37 -25.40 -4.64
C ARG A 55 3.13 -26.47 -5.45
N GLY A 56 4.09 -27.12 -4.82
CA GLY A 56 4.90 -28.14 -5.49
C GLY A 56 6.12 -27.54 -6.18
N LEU A 57 6.11 -26.24 -6.52
CA LEU A 57 7.31 -25.57 -7.09
C LEU A 57 8.27 -25.23 -5.97
N PRO A 58 9.58 -25.35 -6.22
CA PRO A 58 10.58 -25.08 -5.19
C PRO A 58 10.80 -23.58 -4.99
N VAL A 59 10.04 -23.00 -4.06
CA VAL A 59 10.06 -21.53 -3.77
C VAL A 59 10.36 -21.37 -2.29
N ARG A 60 11.25 -20.45 -1.93
CA ARG A 60 11.54 -20.09 -0.52
C ARG A 60 10.63 -18.92 -0.12
N TYR A 61 9.70 -19.16 0.79
CA TYR A 61 8.72 -18.16 1.27
C TYR A 61 9.34 -17.40 2.44
N MET A 62 9.79 -16.18 2.17
CA MET A 62 10.55 -15.34 3.15
C MET A 62 9.54 -14.47 3.88
N THR A 63 8.60 -15.13 4.55
CA THR A 63 7.42 -14.54 5.21
C THR A 63 6.90 -15.61 6.17
N THR A 64 6.50 -15.25 7.40
CA THR A 64 5.82 -16.20 8.31
C THR A 64 4.37 -16.41 7.89
N ALA A 65 3.92 -15.81 6.79
CA ALA A 65 2.53 -15.93 6.33
C ALA A 65 2.31 -17.31 5.68
N VAL A 66 3.39 -18.00 5.31
CA VAL A 66 3.40 -19.34 4.67
C VAL A 66 4.07 -20.30 5.64
N ASN A 67 3.32 -21.28 6.17
CA ASN A 67 3.89 -22.43 6.92
C ASN A 67 4.19 -23.51 5.88
N VAL A 68 5.43 -23.54 5.40
CA VAL A 68 6.01 -24.66 4.62
C VAL A 68 7.43 -24.88 5.13
N THR A 69 7.90 -26.13 5.03
CA THR A 69 9.27 -26.58 5.34
C THR A 69 10.05 -26.63 4.02
N HIS A 70 11.11 -25.82 3.91
CA HIS A 70 11.88 -25.60 2.66
C HIS A 70 12.94 -26.71 2.52
N SER A 71 13.31 -27.04 1.27
CA SER A 71 14.45 -27.94 0.93
C SER A 71 15.77 -27.30 1.39
N GLY A 72 15.84 -25.97 1.40
CA GLY A 72 17.09 -25.20 1.60
C GLY A 72 17.80 -24.94 0.29
N THR A 73 17.34 -25.51 -0.81
CA THR A 73 18.05 -25.45 -2.12
C THR A 73 17.29 -24.56 -3.13
N GLU A 74 16.21 -23.87 -2.72
CA GLU A 74 15.37 -23.10 -3.66
C GLU A 74 16.17 -21.92 -4.22
N ILE A 75 15.98 -21.64 -5.51
CA ILE A 75 16.63 -20.46 -6.15
C ILE A 75 15.56 -19.40 -6.49
N VAL A 76 14.33 -19.65 -6.08
CA VAL A 76 13.23 -18.66 -6.18
C VAL A 76 12.83 -18.23 -4.77
N ASP A 77 12.81 -16.91 -4.55
CA ASP A 77 12.47 -16.34 -3.23
C ASP A 77 11.15 -15.63 -3.41
N LEU A 78 10.28 -15.68 -2.43
CA LEU A 78 9.06 -14.86 -2.43
C LEU A 78 9.02 -14.03 -1.13
N MET A 79 8.80 -12.73 -1.25
CA MET A 79 8.66 -11.89 -0.07
C MET A 79 7.74 -10.73 -0.40
N CYS A 80 7.37 -9.94 0.59
CA CYS A 80 6.48 -8.78 0.34
C CYS A 80 7.27 -7.63 -0.30
N HIS A 81 6.60 -6.77 -1.04
CA HIS A 81 7.26 -5.55 -1.59
C HIS A 81 8.04 -4.86 -0.49
N ALA A 82 7.40 -4.62 0.66
CA ALA A 82 8.00 -3.82 1.72
C ALA A 82 9.24 -4.53 2.27
N THR A 83 9.19 -5.85 2.39
CA THR A 83 10.32 -6.67 2.87
C THR A 83 11.54 -6.50 1.96
N PHE A 84 11.31 -6.51 0.65
CA PHE A 84 12.40 -6.33 -0.33
C PHE A 84 13.08 -4.99 -0.09
N THR A 85 12.31 -3.90 -0.07
CA THR A 85 12.86 -2.57 0.11
C THR A 85 13.55 -2.45 1.47
N SER A 86 12.93 -3.03 2.48
CA SER A 86 13.48 -3.00 3.86
C SER A 86 14.88 -3.62 3.86
N ARG A 87 15.01 -4.79 3.26
CA ARG A 87 16.30 -5.53 3.23
C ARG A 87 17.34 -4.77 2.43
N LEU A 88 16.96 -4.13 1.32
CA LEU A 88 17.89 -3.30 0.54
C LEU A 88 18.42 -2.19 1.44
N LEU A 89 17.57 -1.64 2.29
CA LEU A 89 17.95 -0.46 3.12
C LEU A 89 18.91 -0.88 4.25
N GLN A 90 18.76 -2.08 4.74
CA GLN A 90 19.47 -2.59 5.93
C GLN A 90 20.80 -3.20 5.52
N PRO A 91 21.71 -3.39 6.52
CA PRO A 91 22.97 -4.08 6.33
C PRO A 91 22.71 -5.59 6.26
N ILE A 92 21.91 -5.99 5.30
CA ILE A 92 21.64 -7.43 5.00
C ILE A 92 21.83 -7.63 3.51
N ARG A 93 22.52 -8.73 3.18
CA ARG A 93 22.82 -9.24 1.84
C ARG A 93 21.51 -9.60 1.15
N VAL A 94 21.32 -8.98 0.00
CA VAL A 94 20.13 -9.23 -0.88
C VAL A 94 20.72 -9.72 -2.18
N PRO A 95 20.32 -10.91 -2.66
CA PRO A 95 20.87 -11.42 -3.91
C PRO A 95 20.64 -10.37 -5.00
N ASN A 96 21.56 -10.27 -5.95
CA ASN A 96 21.33 -9.47 -7.18
C ASN A 96 20.49 -10.34 -8.13
N TYR A 97 19.16 -10.46 -7.87
CA TYR A 97 18.25 -11.41 -8.57
C TYR A 97 18.36 -11.22 -10.08
N ASN A 98 18.48 -12.32 -10.82
CA ASN A 98 18.48 -12.28 -12.30
C ASN A 98 17.09 -11.92 -12.84
N LEU A 99 16.03 -12.32 -12.14
CA LEU A 99 14.64 -12.09 -12.59
C LEU A 99 13.89 -11.55 -11.37
N ASN A 100 13.20 -10.43 -11.60
CA ASN A 100 12.48 -9.68 -10.55
C ASN A 100 11.02 -9.65 -10.98
N ILE A 101 10.16 -10.34 -10.25
CA ILE A 101 8.73 -10.38 -10.59
C ILE A 101 8.00 -9.60 -9.52
N MET A 102 7.26 -8.57 -9.90
CA MET A 102 6.43 -7.83 -8.91
C MET A 102 4.97 -8.09 -9.23
N ASP A 103 4.25 -8.77 -8.34
CA ASP A 103 2.80 -8.92 -8.48
C ASP A 103 2.11 -7.68 -7.86
N GLU A 104 0.96 -7.36 -8.43
CA GLU A 104 0.17 -6.16 -8.04
C GLU A 104 1.10 -4.95 -8.10
N ALA A 105 1.77 -4.76 -9.24
CA ALA A 105 2.86 -3.80 -9.43
C ALA A 105 2.34 -2.35 -9.55
N HIS A 106 1.02 -2.15 -9.42
CA HIS A 106 0.43 -0.80 -9.33
C HIS A 106 0.52 -0.26 -7.90
N PHE A 107 0.87 -1.05 -6.91
CA PHE A 107 0.78 -0.62 -5.51
C PHE A 107 1.58 0.66 -5.33
N THR A 108 0.96 1.69 -4.72
CA THR A 108 1.58 3.04 -4.66
C THR A 108 2.13 3.35 -3.25
N ASP A 109 2.29 2.35 -2.39
CA ASP A 109 2.98 2.61 -1.09
C ASP A 109 4.43 2.90 -1.39
N PRO A 110 5.09 3.74 -0.57
CA PRO A 110 6.45 4.19 -0.86
C PRO A 110 7.40 3.02 -1.10
N SER A 111 7.31 1.95 -0.30
CA SER A 111 8.29 0.84 -0.45
C SER A 111 8.11 0.17 -1.82
N SER A 112 6.89 0.10 -2.32
CA SER A 112 6.57 -0.51 -3.64
C SER A 112 7.14 0.36 -4.76
N ILE A 113 6.92 1.65 -4.68
CA ILE A 113 7.42 2.60 -5.70
C ILE A 113 8.95 2.48 -5.68
N ALA A 114 9.58 2.46 -4.49
CA ALA A 114 11.04 2.38 -4.38
C ALA A 114 11.51 1.08 -5.02
N ALA A 115 10.85 -0.03 -4.70
CA ALA A 115 11.23 -1.35 -5.25
C ALA A 115 11.19 -1.25 -6.79
N ARG A 116 10.15 -0.66 -7.37
CA ARG A 116 10.06 -0.57 -8.85
C ARG A 116 11.23 0.25 -9.37
N GLY A 117 11.63 1.30 -8.67
CA GLY A 117 12.73 2.17 -9.11
C GLY A 117 14.04 1.42 -9.09
N TYR A 118 14.29 0.69 -8.02
CA TYR A 118 15.51 -0.12 -7.87
C TYR A 118 15.55 -1.18 -8.97
N ILE A 119 14.47 -1.93 -9.16
CA ILE A 119 14.44 -3.05 -10.13
C ILE A 119 14.61 -2.49 -11.55
N SER A 120 13.86 -1.46 -11.91
CA SER A 120 13.86 -0.91 -13.29
C SER A 120 15.25 -0.33 -13.55
N THR A 121 15.93 0.24 -12.55
CA THR A 121 17.30 0.75 -12.75
C THR A 121 18.24 -0.43 -13.00
N ARG A 122 18.12 -1.54 -12.26
CA ARG A 122 19.01 -2.70 -12.52
C ARG A 122 18.77 -3.19 -13.94
N VAL A 123 17.53 -3.29 -14.40
CA VAL A 123 17.22 -3.66 -15.80
C VAL A 123 17.91 -2.66 -16.74
N GLU A 124 17.78 -1.36 -16.46
CA GLU A 124 18.34 -0.35 -17.40
C GLU A 124 19.86 -0.52 -17.47
N MET A 125 20.50 -0.88 -16.37
CA MET A 125 21.96 -1.05 -16.31
C MET A 125 22.39 -2.29 -17.07
N GLY A 126 21.44 -3.17 -17.45
CA GLY A 126 21.72 -4.42 -18.19
C GLY A 126 22.00 -5.60 -17.27
N GLU A 127 21.64 -5.52 -15.99
CA GLU A 127 22.05 -6.48 -14.92
C GLU A 127 20.99 -7.56 -14.68
N ALA A 128 19.76 -7.31 -15.10
CA ALA A 128 18.58 -8.05 -14.61
C ALA A 128 17.46 -7.99 -15.63
N ALA A 129 16.49 -8.88 -15.48
CA ALA A 129 15.19 -8.85 -16.12
C ALA A 129 14.13 -8.56 -15.06
N ALA A 130 12.98 -8.09 -15.50
CA ALA A 130 11.87 -7.82 -14.58
C ALA A 130 10.55 -8.03 -15.27
N ILE A 131 9.59 -8.46 -14.48
CA ILE A 131 8.19 -8.58 -14.93
C ILE A 131 7.32 -7.86 -13.90
N PHE A 132 6.56 -6.87 -14.35
CA PHE A 132 5.60 -6.11 -13.50
C PHE A 132 4.22 -6.57 -13.87
N MET A 133 3.57 -7.27 -12.97
CA MET A 133 2.22 -7.83 -13.21
C MET A 133 1.18 -6.88 -12.62
N THR A 134 0.38 -6.25 -13.51
CA THR A 134 -0.76 -5.39 -13.13
C THR A 134 -1.60 -5.12 -14.37
N ALA A 135 -2.91 -5.11 -14.15
CA ALA A 135 -3.92 -4.64 -15.12
C ALA A 135 -3.81 -3.12 -15.35
N THR A 136 -3.20 -2.39 -14.41
CA THR A 136 -3.27 -0.91 -14.37
C THR A 136 -1.86 -0.37 -14.19
N PRO A 137 -1.03 -0.40 -15.24
CA PRO A 137 0.30 0.13 -15.11
C PRO A 137 0.29 1.63 -14.83
N PRO A 138 1.37 2.24 -14.30
CA PRO A 138 1.43 3.69 -14.08
C PRO A 138 0.97 4.56 -15.26
N GLY A 139 0.10 5.52 -15.01
CA GLY A 139 -0.38 6.47 -16.02
C GLY A 139 -1.46 5.87 -16.92
N THR A 140 -1.95 4.67 -16.62
CA THR A 140 -3.15 4.15 -17.32
C THR A 140 -4.27 5.18 -17.17
N ARG A 141 -5.05 5.35 -18.22
CA ARG A 141 -6.14 6.34 -18.31
C ARG A 141 -7.46 5.60 -18.45
N ASP A 142 -7.46 4.27 -18.28
CA ASP A 142 -8.68 3.45 -18.50
C ASP A 142 -9.26 2.98 -17.16
N ALA A 143 -10.34 3.60 -16.69
CA ALA A 143 -10.98 3.19 -15.42
C ALA A 143 -11.89 1.98 -15.64
N PHE A 144 -12.15 1.59 -16.88
CA PHE A 144 -13.16 0.54 -17.22
C PHE A 144 -12.58 -0.55 -18.10
N PRO A 145 -11.52 -1.23 -17.63
CA PRO A 145 -10.93 -2.31 -18.41
C PRO A 145 -11.84 -3.53 -18.58
N ASP A 146 -11.39 -4.47 -19.40
CA ASP A 146 -12.16 -5.71 -19.60
C ASP A 146 -12.23 -6.49 -18.28
N SER A 147 -13.17 -7.44 -18.25
CA SER A 147 -13.41 -8.33 -17.11
C SER A 147 -13.78 -9.73 -17.60
N ASN A 148 -13.78 -10.68 -16.70
CA ASN A 148 -14.16 -12.08 -17.00
C ASN A 148 -15.65 -12.12 -17.39
N SER A 149 -16.50 -11.29 -16.78
CA SER A 149 -17.94 -11.22 -17.14
C SER A 149 -18.36 -9.76 -17.19
N PRO A 150 -19.42 -9.48 -17.95
CA PRO A 150 -19.90 -8.11 -18.08
C PRO A 150 -20.24 -7.48 -16.73
N ILE A 151 -19.90 -6.20 -16.62
CA ILE A 151 -20.20 -5.36 -15.43
C ILE A 151 -21.23 -4.31 -15.79
N MET A 152 -22.18 -4.09 -14.88
CA MET A 152 -23.14 -2.96 -14.98
C MET A 152 -22.49 -1.74 -14.30
N ASP A 153 -22.04 -0.77 -15.08
CA ASP A 153 -21.39 0.48 -14.56
C ASP A 153 -22.46 1.55 -14.43
N THR A 154 -22.62 2.12 -13.25
CA THR A 154 -23.57 3.21 -13.04
C THR A 154 -22.91 4.33 -12.25
N GLU A 155 -23.00 5.54 -12.79
CA GLU A 155 -22.58 6.77 -12.08
C GLU A 155 -23.74 7.17 -11.18
N VAL A 156 -23.50 7.29 -9.89
CA VAL A 156 -24.56 7.58 -8.90
C VAL A 156 -23.96 8.28 -7.69
N GLU A 157 -24.72 9.16 -7.02
CA GLU A 157 -24.28 9.76 -5.76
C GLU A 157 -24.16 8.66 -4.72
N VAL A 158 -23.00 8.59 -4.13
CA VAL A 158 -22.68 7.57 -3.10
C VAL A 158 -22.59 8.33 -1.79
N PRO A 159 -23.26 7.88 -0.70
CA PRO A 159 -23.06 8.51 0.59
C PRO A 159 -21.64 8.36 1.11
N GLU A 160 -21.20 9.40 1.82
CA GLU A 160 -19.88 9.45 2.49
C GLU A 160 -20.08 9.77 3.98
N ARG A 161 -21.36 9.80 4.39
CA ARG A 161 -21.77 10.04 5.79
C ARG A 161 -22.96 9.14 6.04
N ALA A 162 -23.29 8.96 7.30
CA ALA A 162 -24.55 8.30 7.70
C ALA A 162 -25.71 8.95 6.98
N TRP A 163 -26.68 8.15 6.55
CA TRP A 163 -27.88 8.68 5.87
C TRP A 163 -29.13 8.07 6.51
N SER A 164 -30.26 8.75 6.33
CA SER A 164 -31.60 8.38 6.81
C SER A 164 -32.53 8.06 5.63
N SER A 165 -32.29 8.64 4.47
CA SER A 165 -33.16 8.52 3.29
C SER A 165 -32.35 8.88 2.06
N GLY A 166 -32.89 8.56 0.89
CA GLY A 166 -32.37 9.07 -0.38
C GLY A 166 -31.39 8.11 -1.04
N PHE A 167 -31.04 7.00 -0.36
CA PHE A 167 -30.07 6.02 -0.93
C PHE A 167 -30.62 4.59 -0.79
N ASP A 168 -31.90 4.39 -1.09
CA ASP A 168 -32.51 3.06 -0.80
C ASP A 168 -31.74 1.96 -1.54
N TRP A 169 -31.19 2.28 -2.71
CA TRP A 169 -30.53 1.28 -3.60
C TRP A 169 -29.37 0.63 -2.82
N VAL A 170 -28.82 1.34 -1.87
CA VAL A 170 -27.65 0.80 -1.09
C VAL A 170 -28.10 -0.42 -0.29
N THR A 171 -29.20 -0.28 0.46
CA THR A 171 -29.64 -1.29 1.44
C THR A 171 -30.63 -2.27 0.81
N ASP A 172 -31.20 -1.94 -0.33
CA ASP A 172 -32.24 -2.81 -0.95
C ASP A 172 -31.59 -4.06 -1.55
N HIS A 173 -30.30 -4.03 -1.79
CA HIS A 173 -29.50 -5.09 -2.43
C HIS A 173 -29.41 -6.35 -1.56
N SER A 174 -29.55 -7.53 -2.14
CA SER A 174 -29.63 -8.79 -1.34
C SER A 174 -28.32 -9.55 -1.45
N GLY A 175 -27.36 -9.03 -2.19
CA GLY A 175 -26.07 -9.71 -2.40
C GLY A 175 -24.99 -9.17 -1.50
N LYS A 176 -23.75 -9.30 -1.93
CA LYS A 176 -22.56 -8.88 -1.16
C LYS A 176 -21.88 -7.72 -1.89
N THR A 177 -21.60 -6.70 -1.13
CA THR A 177 -21.02 -5.41 -1.63
C THR A 177 -19.66 -5.15 -0.99
N VAL A 178 -18.72 -4.77 -1.83
CA VAL A 178 -17.45 -4.16 -1.42
C VAL A 178 -17.53 -2.66 -1.67
N TRP A 179 -17.35 -1.90 -0.62
CA TRP A 179 -17.51 -0.43 -0.62
C TRP A 179 -16.17 0.18 -0.28
N PHE A 180 -15.60 0.90 -1.24
CA PHE A 180 -14.34 1.69 -1.11
C PHE A 180 -14.65 3.08 -0.59
N VAL A 181 -14.04 3.37 0.53
CA VAL A 181 -14.13 4.66 1.27
C VAL A 181 -12.76 5.35 1.25
N PRO A 182 -12.73 6.68 1.41
CA PRO A 182 -11.43 7.38 1.40
C PRO A 182 -10.61 7.33 2.68
N SER A 183 -11.18 6.86 3.78
CA SER A 183 -10.44 6.85 5.07
C SER A 183 -11.09 5.86 6.02
N VAL A 184 -10.29 5.43 6.98
CA VAL A 184 -10.83 4.61 8.08
C VAL A 184 -11.98 5.33 8.78
N ARG A 185 -11.80 6.60 9.14
CA ARG A 185 -12.84 7.34 9.88
C ARG A 185 -14.14 7.38 9.06
N ASN A 186 -14.05 7.63 7.76
N ASN A 186 -14.01 7.63 7.76
CA ASN A 186 -15.27 7.68 6.89
CA ASN A 186 -15.16 7.65 6.84
C ASN A 186 -15.92 6.28 6.88
C ASN A 186 -15.88 6.30 6.91
N GLY A 187 -15.12 5.22 6.74
CA GLY A 187 -15.68 3.87 6.73
C GLY A 187 -16.39 3.54 8.03
N ASN A 188 -15.86 4.05 9.14
CA ASN A 188 -16.44 3.78 10.48
C ASN A 188 -17.86 4.37 10.52
N GLU A 189 -18.05 5.57 9.99
CA GLU A 189 -19.39 6.19 10.01
C GLU A 189 -20.36 5.39 9.12
N ILE A 190 -19.95 5.05 7.90
CA ILE A 190 -20.81 4.28 6.97
C ILE A 190 -21.14 2.90 7.57
N ALA A 191 -20.12 2.21 8.08
CA ALA A 191 -20.26 0.89 8.73
C ALA A 191 -21.28 0.98 9.84
N ALA A 192 -21.24 2.02 10.67
CA ALA A 192 -22.15 2.15 11.83
C ALA A 192 -23.57 2.32 11.27
N CYS A 193 -23.70 3.13 10.21
CA CYS A 193 -25.02 3.37 9.59
C CYS A 193 -25.57 2.03 9.04
N LEU A 194 -24.77 1.24 8.32
CA LEU A 194 -25.22 -0.04 7.73
C LEU A 194 -25.58 -1.02 8.85
N THR A 195 -24.79 -1.06 9.92
CA THR A 195 -25.00 -1.98 11.07
C THR A 195 -26.35 -1.63 11.70
N LYS A 196 -26.60 -0.34 11.85
CA LYS A 196 -27.86 0.14 12.44
C LYS A 196 -29.03 -0.32 11.55
N ALA A 197 -28.84 -0.44 10.22
CA ALA A 197 -29.89 -0.84 9.27
C ALA A 197 -29.97 -2.37 9.19
N GLY A 198 -29.22 -3.09 10.01
CA GLY A 198 -29.30 -4.56 10.12
C GLY A 198 -28.32 -5.31 9.24
N LYS A 199 -27.34 -4.62 8.67
CA LYS A 199 -26.37 -5.29 7.77
C LYS A 199 -25.20 -5.79 8.59
N ARG A 200 -24.58 -6.85 8.10
CA ARG A 200 -23.31 -7.39 8.67
C ARG A 200 -22.15 -6.77 7.91
N VAL A 201 -21.30 -6.03 8.61
CA VAL A 201 -20.23 -5.23 7.98
C VAL A 201 -18.86 -5.67 8.51
N ILE A 202 -17.90 -5.88 7.60
CA ILE A 202 -16.47 -6.06 7.94
C ILE A 202 -15.75 -4.80 7.43
N GLN A 203 -14.86 -4.24 8.24
CA GLN A 203 -14.01 -3.08 7.87
C GLN A 203 -12.58 -3.57 7.65
N LEU A 204 -11.97 -3.13 6.53
CA LEU A 204 -10.57 -3.41 6.17
C LEU A 204 -9.82 -2.09 6.02
N SER A 205 -8.60 -2.09 6.53
CA SER A 205 -7.63 -0.97 6.32
C SER A 205 -6.25 -1.61 6.41
N ARG A 206 -5.20 -0.84 6.12
CA ARG A 206 -3.82 -1.42 6.07
C ARG A 206 -3.44 -2.16 7.35
N LYS A 207 -3.70 -1.56 8.50
CA LYS A 207 -3.22 -2.09 9.81
C LYS A 207 -4.01 -3.35 10.18
N THR A 208 -5.25 -3.48 9.75
CA THR A 208 -6.15 -4.58 10.17
C THR A 208 -6.28 -5.64 9.07
N PHE A 209 -5.71 -5.42 7.87
CA PHE A 209 -6.06 -6.22 6.69
C PHE A 209 -5.84 -7.73 6.94
N GLU A 210 -4.71 -8.21 7.47
CA GLU A 210 -4.57 -9.71 7.51
C GLU A 210 -5.62 -10.32 8.42
N THR A 211 -5.80 -9.81 9.63
CA THR A 211 -6.79 -10.33 10.59
C THR A 211 -8.19 -10.25 10.02
N GLU A 212 -8.59 -9.08 9.51
CA GLU A 212 -10.01 -8.84 9.25
C GLU A 212 -10.32 -9.51 7.93
N PHE A 213 -9.35 -9.59 7.00
CA PHE A 213 -9.65 -10.18 5.67
C PHE A 213 -10.15 -11.62 5.86
N GLN A 214 -9.62 -12.34 6.85
CA GLN A 214 -10.04 -13.74 7.10
C GLN A 214 -11.53 -13.79 7.41
N LYS A 215 -12.07 -12.76 8.06
CA LYS A 215 -13.53 -12.71 8.36
C LYS A 215 -14.37 -12.77 7.09
N THR A 216 -13.85 -12.29 5.95
CA THR A 216 -14.61 -12.36 4.68
C THR A 216 -14.80 -13.80 4.23
N LYS A 217 -13.96 -14.73 4.69
CA LYS A 217 -14.15 -16.16 4.41
C LYS A 217 -14.92 -16.87 5.54
N ASN A 218 -14.72 -16.48 6.79
CA ASN A 218 -15.18 -17.26 7.98
C ASN A 218 -16.61 -16.86 8.39
N GLN A 219 -17.07 -15.64 8.08
CA GLN A 219 -18.41 -15.18 8.54
C GLN A 219 -19.26 -14.79 7.33
N GLU A 220 -20.57 -14.85 7.51
CA GLU A 220 -21.49 -14.29 6.49
C GLU A 220 -21.41 -12.77 6.67
N TRP A 221 -21.38 -12.06 5.55
CA TRP A 221 -21.32 -10.58 5.57
C TRP A 221 -22.19 -10.09 4.44
N ASP A 222 -22.64 -8.85 4.58
CA ASP A 222 -23.41 -8.13 3.54
C ASP A 222 -22.48 -7.09 2.88
N PHE A 223 -21.67 -6.43 3.68
CA PHE A 223 -20.78 -5.32 3.20
C PHE A 223 -19.38 -5.53 3.73
N VAL A 224 -18.42 -5.24 2.86
CA VAL A 224 -17.02 -4.99 3.25
C VAL A 224 -16.80 -3.49 3.01
N ILE A 225 -16.39 -2.79 4.04
CA ILE A 225 -16.03 -1.36 3.97
C ILE A 225 -14.51 -1.31 4.02
N THR A 226 -13.91 -0.86 2.95
CA THR A 226 -12.46 -0.93 2.81
C THR A 226 -11.93 0.39 2.32
N THR A 227 -10.72 0.70 2.76
CA THR A 227 -9.86 1.71 2.13
C THR A 227 -9.26 1.13 0.86
N ASP A 228 -8.44 1.95 0.21
CA ASP A 228 -7.73 1.57 -1.03
C ASP A 228 -6.84 0.34 -0.90
N ILE A 229 -6.54 -0.18 0.31
CA ILE A 229 -5.67 -1.39 0.43
C ILE A 229 -6.27 -2.57 -0.35
N SER A 230 -7.60 -2.60 -0.53
CA SER A 230 -8.23 -3.71 -1.26
C SER A 230 -8.10 -3.58 -2.78
N GLU A 231 -7.38 -2.58 -3.27
CA GLU A 231 -6.96 -2.51 -4.68
C GLU A 231 -5.83 -3.48 -4.96
N MET A 232 -5.21 -4.09 -3.95
CA MET A 232 -3.95 -4.84 -4.19
C MET A 232 -4.18 -6.36 -4.15
N GLY A 233 -5.04 -6.87 -5.02
CA GLY A 233 -5.27 -8.31 -5.23
C GLY A 233 -6.13 -8.97 -4.17
N ALA A 234 -6.77 -8.20 -3.27
CA ALA A 234 -7.83 -8.66 -2.31
C ALA A 234 -8.95 -9.26 -3.14
N ASN A 235 -9.29 -10.54 -2.97
CA ASN A 235 -10.46 -11.07 -3.71
C ASN A 235 -11.63 -11.44 -2.77
N PHE A 236 -12.81 -11.13 -3.24
CA PHE A 236 -14.08 -11.25 -2.52
C PHE A 236 -15.05 -12.02 -3.40
N LYS A 237 -15.99 -12.71 -2.78
CA LYS A 237 -17.09 -13.35 -3.53
C LYS A 237 -18.25 -12.35 -3.43
N ALA A 238 -18.22 -11.34 -4.27
CA ALA A 238 -19.15 -10.19 -4.15
C ALA A 238 -19.85 -10.02 -5.50
N ASP A 239 -21.00 -9.38 -5.49
CA ASP A 239 -21.64 -9.06 -6.78
C ASP A 239 -21.81 -7.55 -6.94
N ARG A 240 -21.30 -6.73 -6.02
CA ARG A 240 -21.40 -5.27 -6.22
C ARG A 240 -20.20 -4.58 -5.61
N VAL A 241 -19.68 -3.63 -6.33
CA VAL A 241 -18.76 -2.62 -5.73
C VAL A 241 -19.47 -1.28 -5.67
N ILE A 242 -19.43 -0.62 -4.53
CA ILE A 242 -19.82 0.81 -4.35
C ILE A 242 -18.48 1.53 -4.22
N ASP A 243 -18.25 2.51 -5.08
CA ASP A 243 -16.94 3.18 -5.09
C ASP A 243 -17.21 4.66 -4.91
N SER A 244 -16.82 5.23 -3.77
CA SER A 244 -16.83 6.67 -3.51
C SER A 244 -16.05 7.40 -4.62
N ARG A 245 -15.09 6.70 -5.23
CA ARG A 245 -14.05 7.25 -6.14
C ARG A 245 -13.22 8.33 -5.44
N ARG A 246 -13.07 8.22 -4.12
CA ARG A 246 -12.36 9.24 -3.33
C ARG A 246 -11.26 8.55 -2.50
N CYS A 247 -10.23 9.33 -2.24
CA CYS A 247 -9.04 8.90 -1.48
C CYS A 247 -8.49 10.13 -0.75
N LEU A 248 -7.64 9.89 0.23
CA LEU A 248 -6.85 10.96 0.86
C LEU A 248 -5.50 11.02 0.15
N LYS A 249 -4.97 12.23 0.00
CA LYS A 249 -3.65 12.41 -0.63
C LYS A 249 -2.75 13.06 0.42
N PRO A 250 -1.70 12.36 0.89
CA PRO A 250 -0.72 12.99 1.79
C PRO A 250 0.07 13.99 0.93
N VAL A 251 0.15 15.21 1.43
CA VAL A 251 0.81 16.35 0.75
C VAL A 251 1.82 16.98 1.71
N ILE A 252 3.05 17.10 1.25
CA ILE A 252 4.08 17.81 2.02
C ILE A 252 3.92 19.31 1.75
N LEU A 253 3.59 20.11 2.78
CA LEU A 253 3.38 21.58 2.67
C LEU A 253 4.69 22.30 3.02
N ASP A 254 5.16 23.21 2.17
CA ASP A 254 6.40 24.02 2.44
C ASP A 254 7.57 23.20 3.00
N GLY A 255 7.79 21.96 2.54
CA GLY A 255 8.79 21.03 3.08
C GLY A 255 8.76 20.91 4.61
N GLU A 256 7.66 21.30 5.28
CA GLU A 256 7.61 21.58 6.76
C GLU A 256 6.70 20.59 7.54
N ARG A 257 5.62 20.13 6.91
CA ARG A 257 4.53 19.35 7.55
C ARG A 257 3.82 18.54 6.47
N VAL A 258 3.12 17.48 6.88
CA VAL A 258 2.33 16.64 5.93
C VAL A 258 0.86 16.70 6.35
N ILE A 259 -0.01 17.04 5.40
CA ILE A 259 -1.48 17.03 5.56
C ILE A 259 -2.05 15.87 4.75
N LEU A 260 -3.20 15.39 5.17
CA LEU A 260 -4.00 14.41 4.41
C LEU A 260 -5.07 15.22 3.72
N ALA A 261 -4.78 15.62 2.49
CA ALA A 261 -5.63 16.48 1.65
C ALA A 261 -6.80 15.68 1.11
N GLY A 262 -7.91 16.36 0.86
CA GLY A 262 -9.09 15.75 0.23
C GLY A 262 -10.16 15.49 1.26
N PRO A 263 -10.99 14.44 1.11
CA PRO A 263 -10.90 13.49 0.02
C PRO A 263 -10.99 14.09 -1.37
N MET A 264 -10.37 13.40 -2.28
CA MET A 264 -10.29 13.89 -3.67
C MET A 264 -10.34 12.68 -4.59
N PRO A 265 -10.53 12.90 -5.89
CA PRO A 265 -10.64 11.80 -6.84
C PRO A 265 -9.48 10.82 -6.82
N VAL A 266 -9.83 9.56 -7.05
CA VAL A 266 -8.82 8.51 -7.27
C VAL A 266 -8.22 8.63 -8.65
N THR A 267 -7.07 7.99 -8.85
CA THR A 267 -6.55 7.79 -10.22
C THR A 267 -7.40 6.82 -11.03
N HIS A 268 -7.19 6.83 -12.33
CA HIS A 268 -7.83 5.83 -13.23
C HIS A 268 -7.44 4.42 -12.80
N ALA A 269 -6.17 4.20 -12.43
CA ALA A 269 -5.67 2.87 -12.04
C ALA A 269 -6.43 2.38 -10.80
N SER A 270 -6.57 3.27 -9.82
CA SER A 270 -7.27 2.92 -8.57
C SER A 270 -8.72 2.56 -8.90
N ALA A 271 -9.38 3.39 -9.72
CA ALA A 271 -10.81 3.16 -10.02
C ALA A 271 -10.94 1.81 -10.70
N ALA A 272 -10.06 1.49 -11.63
CA ALA A 272 -10.12 0.22 -12.39
C ALA A 272 -9.91 -0.96 -11.44
N GLN A 273 -9.01 -0.80 -10.46
CA GLN A 273 -8.72 -1.90 -9.50
C GLN A 273 -9.92 -2.10 -8.57
N ARG A 274 -10.52 -0.99 -8.14
CA ARG A 274 -11.72 -1.05 -7.28
C ARG A 274 -12.82 -1.79 -8.03
N ARG A 275 -13.16 -1.32 -9.19
CA ARG A 275 -14.16 -1.98 -10.05
C ARG A 275 -13.77 -3.46 -10.25
N GLY A 276 -12.48 -3.70 -10.48
CA GLY A 276 -11.98 -5.03 -10.84
C GLY A 276 -12.16 -6.03 -9.74
N ARG A 277 -12.68 -5.64 -8.55
CA ARG A 277 -13.02 -6.63 -7.50
C ARG A 277 -14.21 -7.47 -7.97
N ILE A 278 -15.02 -6.99 -8.94
CA ILE A 278 -16.22 -7.75 -9.36
C ILE A 278 -16.14 -7.97 -10.87
N GLY A 279 -17.08 -8.72 -11.45
CA GLY A 279 -17.00 -9.14 -12.86
C GLY A 279 -15.97 -10.25 -13.06
N ARG A 280 -15.62 -10.97 -12.00
CA ARG A 280 -14.45 -11.89 -12.05
C ARG A 280 -14.91 -13.30 -12.41
N ASN A 281 -16.19 -13.57 -12.35
CA ASN A 281 -16.72 -14.95 -12.58
C ASN A 281 -17.45 -14.99 -13.91
N PRO A 282 -16.93 -15.71 -14.94
CA PRO A 282 -17.53 -15.70 -16.28
C PRO A 282 -18.97 -16.26 -16.27
N ASN A 283 -19.30 -17.04 -15.24
CA ASN A 283 -20.65 -17.64 -15.03
C ASN A 283 -21.59 -16.72 -14.24
N LYS A 284 -21.14 -15.53 -13.84
CA LYS A 284 -21.98 -14.60 -13.04
C LYS A 284 -21.90 -13.23 -13.68
N PRO A 285 -22.49 -13.03 -14.89
CA PRO A 285 -22.56 -11.70 -15.50
C PRO A 285 -23.48 -10.78 -14.69
N GLY A 286 -23.28 -9.48 -14.82
CA GLY A 286 -24.19 -8.46 -14.25
C GLY A 286 -23.81 -8.07 -12.83
N ASP A 287 -22.60 -8.35 -12.42
CA ASP A 287 -22.09 -7.69 -11.21
C ASP A 287 -22.14 -6.16 -11.44
N GLU A 288 -22.32 -5.40 -10.38
CA GLU A 288 -22.63 -3.97 -10.44
C GLU A 288 -21.44 -3.18 -9.93
N TYR A 289 -21.12 -2.08 -10.60
CA TYR A 289 -20.13 -1.09 -10.16
C TYR A 289 -20.81 0.27 -10.08
N MET A 290 -21.06 0.73 -8.86
CA MET A 290 -21.73 2.02 -8.63
C MET A 290 -20.63 3.01 -8.26
N TYR A 291 -20.46 4.09 -9.02
CA TYR A 291 -19.32 5.00 -8.75
C TYR A 291 -19.76 6.43 -8.54
N GLY A 292 -19.19 7.10 -7.53
CA GLY A 292 -19.69 8.39 -7.00
C GLY A 292 -18.89 9.62 -7.39
N GLY A 293 -18.05 9.51 -8.40
CA GLY A 293 -17.18 10.64 -8.78
C GLY A 293 -16.30 10.29 -9.96
N GLY A 294 -15.64 11.30 -10.51
CA GLY A 294 -14.66 11.08 -11.58
C GLY A 294 -13.27 10.74 -11.09
N CYS A 295 -12.41 10.46 -12.04
CA CYS A 295 -10.98 10.20 -11.75
C CYS A 295 -10.16 11.45 -12.00
N ALA A 296 -9.00 11.52 -11.38
CA ALA A 296 -8.00 12.59 -11.65
C ALA A 296 -6.62 12.05 -11.32
N GLU A 297 -5.54 12.68 -11.78
N GLU A 297 -5.59 12.82 -11.69
CA GLU A 297 -4.21 12.10 -11.49
CA GLU A 297 -4.15 12.48 -11.52
C GLU A 297 -3.71 12.74 -10.18
C GLU A 297 -3.72 12.87 -10.10
N THR A 298 -4.29 12.24 -9.08
CA THR A 298 -4.03 12.69 -7.70
C THR A 298 -2.73 12.09 -7.17
N ASP A 299 -2.02 11.27 -7.95
CA ASP A 299 -0.66 10.82 -7.58
C ASP A 299 0.35 11.92 -7.86
N GLU A 300 0.02 12.94 -8.65
CA GLU A 300 0.99 14.02 -8.95
C GLU A 300 1.16 14.83 -7.68
N GLY A 301 2.36 14.85 -7.12
CA GLY A 301 2.67 15.63 -5.90
C GLY A 301 2.24 14.90 -4.65
N HIS A 302 1.86 13.63 -4.78
CA HIS A 302 1.49 12.78 -3.64
C HIS A 302 2.77 12.43 -2.86
N ALA A 303 2.76 12.54 -1.55
CA ALA A 303 3.95 12.32 -0.71
C ALA A 303 4.56 10.93 -0.93
N HIS A 304 3.80 9.90 -1.30
CA HIS A 304 4.40 8.55 -1.48
C HIS A 304 5.55 8.56 -2.50
N TRP A 305 5.51 9.39 -3.53
CA TRP A 305 6.58 9.39 -4.55
C TRP A 305 7.82 10.12 -4.02
N LEU A 306 7.62 11.14 -3.19
CA LEU A 306 8.75 11.82 -2.52
C LEU A 306 9.34 10.87 -1.50
N GLU A 307 8.49 10.20 -0.74
CA GLU A 307 9.01 9.23 0.26
C GLU A 307 9.75 8.09 -0.47
N ALA A 308 9.28 7.66 -1.65
CA ALA A 308 10.04 6.64 -2.41
C ALA A 308 11.45 7.14 -2.76
N ARG A 309 11.58 8.41 -3.11
CA ARG A 309 12.93 9.01 -3.35
C ARG A 309 13.76 9.03 -2.08
N MET A 310 13.14 9.24 -0.92
CA MET A 310 13.89 9.20 0.33
C MET A 310 14.44 7.79 0.55
N LEU A 311 13.69 6.74 0.21
CA LEU A 311 14.14 5.35 0.40
C LEU A 311 15.24 5.05 -0.61
N LEU A 312 15.02 5.44 -1.89
CA LEU A 312 15.95 5.04 -2.97
C LEU A 312 17.28 5.77 -2.82
N ASP A 313 17.29 7.00 -2.29
CA ASP A 313 18.55 7.76 -2.05
C ASP A 313 19.41 7.02 -1.03
N ASN A 314 18.79 6.13 -0.23
CA ASN A 314 19.45 5.45 0.90
C ASN A 314 19.68 3.97 0.60
N ILE A 315 19.61 3.58 -0.65
CA ILE A 315 19.81 2.17 -1.05
C ILE A 315 21.09 2.14 -1.90
N TYR A 316 22.03 1.29 -1.52
CA TYR A 316 23.26 1.11 -2.32
C TYR A 316 22.89 0.44 -3.63
N LEU A 317 23.44 0.96 -4.71
CA LEU A 317 23.26 0.34 -6.02
C LEU A 317 24.63 -0.03 -6.60
N GLN A 318 25.46 0.99 -6.78
CA GLN A 318 26.84 0.84 -7.32
C GLN A 318 27.60 2.13 -7.07
N ASP A 319 28.66 2.09 -6.26
CA ASP A 319 29.46 3.28 -5.87
C ASP A 319 28.51 4.36 -5.33
N GLY A 320 28.50 5.54 -5.95
CA GLY A 320 27.65 6.67 -5.52
C GLY A 320 26.40 6.81 -6.37
N LEU A 321 26.14 5.88 -7.30
CA LEU A 321 24.95 5.95 -8.16
C LEU A 321 23.69 5.75 -7.31
N ILE A 322 22.61 6.32 -7.76
CA ILE A 322 21.32 6.23 -7.02
C ILE A 322 20.24 5.80 -8.01
N ALA A 323 19.44 4.82 -7.65
CA ALA A 323 18.35 4.33 -8.53
C ALA A 323 17.35 5.47 -8.79
N SER A 324 16.86 5.54 -10.02
CA SER A 324 15.80 6.47 -10.45
C SER A 324 14.45 5.79 -10.23
N LEU A 325 13.38 6.56 -10.03
CA LEU A 325 12.03 5.94 -10.09
C LEU A 325 11.80 5.32 -11.45
N TYR A 326 10.90 4.34 -11.49
CA TYR A 326 10.44 3.71 -12.74
C TYR A 326 9.90 4.83 -13.65
N ARG A 327 10.36 4.91 -14.90
CA ARG A 327 10.17 6.11 -15.75
C ARG A 327 8.71 6.57 -15.75
N PRO A 328 7.70 5.71 -15.98
CA PRO A 328 6.31 6.15 -16.05
C PRO A 328 5.78 6.87 -14.80
N GLU A 329 6.43 6.72 -13.64
CA GLU A 329 5.92 7.41 -12.44
C GLU A 329 6.97 8.40 -11.91
N ALA A 330 8.02 8.71 -12.66
CA ALA A 330 9.12 9.55 -12.17
C ALA A 330 8.69 11.03 -12.10
N ASP A 331 7.72 11.51 -12.88
CA ASP A 331 7.38 12.94 -12.85
C ASP A 331 6.36 13.24 -11.75
N LYS A 332 5.94 12.26 -10.95
CA LYS A 332 4.98 12.44 -9.84
C LYS A 332 5.66 13.15 -8.68
N VAL A 333 6.97 13.37 -8.73
CA VAL A 333 7.73 14.00 -7.61
C VAL A 333 8.72 15.00 -8.21
N ALA A 334 9.01 16.10 -7.52
CA ALA A 334 10.01 17.11 -7.91
C ALA A 334 11.14 17.14 -6.89
N ALA A 335 11.79 16.03 -6.70
CA ALA A 335 12.95 15.96 -5.79
C ALA A 335 14.23 16.05 -6.61
N ILE A 336 15.27 16.49 -5.95
CA ILE A 336 16.64 16.44 -6.49
C ILE A 336 17.18 15.04 -6.19
N GLU A 337 17.43 14.19 -7.18
CA GLU A 337 17.98 12.84 -6.91
C GLU A 337 19.24 12.96 -6.03
N GLY A 338 19.33 12.15 -4.98
CA GLY A 338 20.43 12.18 -4.01
C GLY A 338 20.23 13.15 -2.86
N GLU A 339 19.23 14.04 -2.89
CA GLU A 339 19.07 15.08 -1.86
C GLU A 339 18.79 14.45 -0.49
N PHE A 340 18.32 13.20 -0.44
CA PHE A 340 17.93 12.57 0.86
C PHE A 340 18.94 11.52 1.28
N LYS A 341 20.06 11.46 0.61
CA LYS A 341 21.10 10.51 1.00
C LYS A 341 21.67 10.83 2.37
N LEU A 342 21.60 9.87 3.29
CA LEU A 342 22.07 10.09 4.69
C LEU A 342 23.41 9.40 4.90
N ARG A 343 24.22 9.95 5.82
CA ARG A 343 25.46 9.25 6.26
C ARG A 343 25.04 8.00 7.04
N THR A 344 25.95 7.04 7.20
CA THR A 344 25.67 5.69 7.73
C THR A 344 24.85 5.75 9.04
N GLU A 345 25.22 6.57 10.01
CA GLU A 345 24.57 6.51 11.34
C GLU A 345 23.17 7.13 11.25
N GLN A 346 23.01 8.21 10.49
CA GLN A 346 21.66 8.82 10.29
C GLN A 346 20.80 7.84 9.48
N ARG A 347 21.35 7.10 8.49
CA ARG A 347 20.59 6.10 7.74
C ARG A 347 20.08 5.02 8.69
N LYS A 348 20.91 4.55 9.62
CA LYS A 348 20.46 3.51 10.56
C LYS A 348 19.28 4.06 11.36
N THR A 349 19.39 5.31 11.82
CA THR A 349 18.29 5.94 12.62
C THR A 349 17.00 5.98 11.78
N PHE A 350 17.13 6.45 10.55
CA PHE A 350 16.01 6.53 9.58
C PHE A 350 15.31 5.19 9.45
N VAL A 351 16.07 4.13 9.21
CA VAL A 351 15.54 2.76 9.07
C VAL A 351 14.81 2.32 10.33
N GLU A 352 15.41 2.59 11.47
CA GLU A 352 14.82 2.13 12.75
C GLU A 352 13.54 2.90 13.05
N LEU A 353 13.52 4.19 12.78
CA LEU A 353 12.28 5.00 12.95
C LEU A 353 11.14 4.43 12.08
N MET A 354 11.45 3.91 10.90
CA MET A 354 10.40 3.30 10.06
C MET A 354 10.07 1.89 10.53
N LYS A 355 11.06 1.07 10.81
CA LYS A 355 10.82 -0.37 11.13
C LYS A 355 10.22 -0.51 12.54
N ARG A 356 11.01 -0.19 13.56
CA ARG A 356 10.55 -0.32 14.96
C ARG A 356 9.63 0.88 15.29
N GLY A 357 9.99 2.06 14.85
CA GLY A 357 9.20 3.26 15.15
C GLY A 357 7.81 3.26 14.50
N ASP A 358 7.67 2.58 13.38
CA ASP A 358 6.41 2.55 12.60
C ASP A 358 6.03 3.98 12.21
N LEU A 359 7.01 4.85 11.99
CA LEU A 359 6.71 6.23 11.54
C LEU A 359 6.63 6.28 10.02
N PRO A 360 5.83 7.21 9.47
CA PRO A 360 5.84 7.47 8.03
C PRO A 360 7.25 7.82 7.54
N VAL A 361 7.55 7.45 6.30
CA VAL A 361 8.93 7.67 5.77
C VAL A 361 9.34 9.13 5.96
N TRP A 362 8.48 10.05 5.55
CA TRP A 362 8.79 11.50 5.59
C TRP A 362 9.19 11.86 7.01
N LEU A 363 8.37 11.45 7.99
CA LEU A 363 8.62 11.90 9.37
C LEU A 363 9.93 11.27 9.87
N ALA A 364 10.14 9.97 9.61
CA ALA A 364 11.40 9.27 9.95
C ALA A 364 12.58 10.07 9.39
N TYR A 365 12.46 10.51 8.13
CA TYR A 365 13.57 11.26 7.52
C TYR A 365 13.86 12.58 8.25
N GLN A 366 12.82 13.34 8.60
CA GLN A 366 13.01 14.65 9.23
C GLN A 366 13.77 14.43 10.54
N VAL A 367 13.39 13.40 11.30
CA VAL A 367 13.99 13.15 12.63
C VAL A 367 15.45 12.71 12.47
N ALA A 368 15.69 11.76 11.56
CA ALA A 368 17.03 11.18 11.37
C ALA A 368 17.94 12.27 10.80
N SER A 369 17.47 13.06 9.85
CA SER A 369 18.31 14.08 9.18
C SER A 369 18.61 15.25 10.11
N ALA A 370 17.84 15.41 11.18
CA ALA A 370 18.10 16.38 12.26
C ALA A 370 19.19 15.92 13.23
N GLY A 371 19.70 14.71 13.08
CA GLY A 371 20.76 14.17 13.96
C GLY A 371 20.20 13.69 15.28
N ILE A 372 18.89 13.43 15.35
CA ILE A 372 18.23 12.89 16.57
C ILE A 372 18.43 11.39 16.57
N THR A 373 18.76 10.81 17.73
CA THR A 373 18.84 9.33 17.84
C THR A 373 17.47 8.69 18.06
N TYR A 374 17.36 7.39 17.78
CA TYR A 374 16.07 6.68 17.71
C TYR A 374 15.28 6.87 19.00
N THR A 375 15.91 6.74 20.16
CA THR A 375 15.20 6.75 21.45
C THR A 375 14.98 8.15 22.00
N ASP A 376 15.45 9.20 21.32
CA ASP A 376 15.34 10.59 21.83
C ASP A 376 14.00 11.18 21.35
N ARG A 377 13.03 11.28 22.24
CA ARG A 377 11.65 11.64 21.86
C ARG A 377 11.34 13.09 22.20
N ARG A 378 12.35 13.90 22.51
CA ARG A 378 12.12 15.30 22.91
C ARG A 378 11.38 16.04 21.80
N TRP A 379 11.69 15.77 20.55
CA TRP A 379 11.03 16.37 19.36
C TRP A 379 9.51 16.17 19.37
N CYS A 380 8.99 15.17 20.07
CA CYS A 380 7.53 14.90 20.07
C CYS A 380 6.78 16.00 20.83
N PHE A 381 7.48 16.86 21.55
CA PHE A 381 6.87 17.82 22.50
C PHE A 381 7.30 19.26 22.25
N ASP A 382 8.25 19.54 21.37
CA ASP A 382 8.85 20.90 21.33
C ASP A 382 8.50 21.61 20.02
N GLY A 383 7.44 21.18 19.35
CA GLY A 383 6.95 21.83 18.12
C GLY A 383 6.22 23.15 18.38
N THR A 384 5.82 23.83 17.30
CA THR A 384 5.01 25.07 17.36
C THR A 384 3.60 24.72 17.83
N THR A 385 2.90 25.71 18.38
CA THR A 385 1.54 25.50 18.94
C THR A 385 0.61 24.92 17.87
N ASN A 386 0.77 25.30 16.60
CA ASN A 386 -0.13 24.86 15.51
C ASN A 386 0.11 23.38 15.20
N ASN A 387 1.14 22.76 15.74
CA ASN A 387 1.48 21.32 15.55
C ASN A 387 0.85 20.50 16.68
N THR A 388 0.09 21.15 17.57
CA THR A 388 -0.58 20.41 18.65
C THR A 388 -1.48 19.30 18.08
N ILE A 389 -1.29 18.05 18.51
CA ILE A 389 -2.20 16.97 18.10
C ILE A 389 -3.38 16.97 19.07
N MET A 390 -4.59 16.86 18.51
CA MET A 390 -5.85 16.91 19.28
C MET A 390 -6.39 15.50 19.45
N GLU A 391 -7.01 15.21 20.60
N GLU A 391 -7.01 15.24 20.61
CA GLU A 391 -7.77 13.97 20.86
CA GLU A 391 -7.75 13.98 20.94
C GLU A 391 -9.07 14.35 21.59
C GLU A 391 -9.07 14.38 21.60
N ASP A 392 -10.21 14.07 20.97
CA ASP A 392 -11.57 14.46 21.47
C ASP A 392 -11.64 15.97 21.76
N SER A 393 -11.16 16.77 20.82
CA SER A 393 -11.29 18.24 20.78
C SER A 393 -10.48 18.93 21.88
N VAL A 394 -9.50 18.25 22.47
CA VAL A 394 -8.56 18.83 23.49
C VAL A 394 -7.16 18.36 23.09
N PRO A 395 -6.06 19.06 23.43
CA PRO A 395 -4.74 18.55 23.07
C PRO A 395 -4.52 17.14 23.62
N ALA A 396 -3.97 16.25 22.79
CA ALA A 396 -3.54 14.91 23.22
C ALA A 396 -2.37 15.10 24.19
N GLU A 397 -2.36 14.25 25.20
CA GLU A 397 -1.35 14.26 26.28
C GLU A 397 -0.82 12.84 26.49
N VAL A 398 0.46 12.73 26.81
CA VAL A 398 1.09 11.45 27.23
C VAL A 398 1.95 11.72 28.46
N TRP A 399 2.26 10.66 29.17
CA TRP A 399 3.39 10.70 30.13
C TRP A 399 4.68 10.39 29.39
N THR A 400 5.61 11.32 29.45
CA THR A 400 6.93 11.11 28.81
C THR A 400 7.61 9.92 29.52
N LYS A 401 8.68 9.46 28.94
CA LYS A 401 9.53 8.45 29.58
C LYS A 401 10.13 8.98 30.89
N TYR A 402 10.10 10.29 31.15
CA TYR A 402 10.58 10.91 32.42
C TYR A 402 9.48 10.90 33.48
N GLY A 403 8.26 10.59 33.06
CA GLY A 403 7.05 10.53 33.92
C GLY A 403 6.37 11.88 34.01
N GLU A 404 6.59 12.78 33.07
CA GLU A 404 6.00 14.13 33.07
C GLU A 404 4.83 14.13 32.07
N LYS A 405 3.66 14.63 32.46
CA LYS A 405 2.54 14.72 31.48
C LYS A 405 2.80 15.90 30.57
N ARG A 406 2.76 15.69 29.26
CA ARG A 406 3.04 16.73 28.26
C ARG A 406 2.07 16.60 27.13
N VAL A 407 1.76 17.77 26.58
CA VAL A 407 0.97 17.88 25.34
C VAL A 407 1.82 17.37 24.18
N LEU A 408 1.19 16.56 23.37
CA LEU A 408 1.80 16.09 22.10
C LEU A 408 1.84 17.23 21.09
N LYS A 409 3.02 17.68 20.75
CA LYS A 409 3.23 18.84 19.89
C LYS A 409 4.52 18.57 19.14
N PRO A 410 4.46 17.67 18.13
CA PRO A 410 5.70 17.26 17.44
C PRO A 410 6.36 18.37 16.63
N ARG A 411 7.68 18.35 16.60
CA ARG A 411 8.46 19.36 15.87
C ARG A 411 8.13 19.34 14.38
N TRP A 412 7.90 18.14 13.85
CA TRP A 412 7.42 17.85 12.48
C TRP A 412 6.06 17.19 12.65
N MET A 413 5.07 17.77 11.99
CA MET A 413 3.69 17.29 12.07
C MET A 413 3.36 16.54 10.78
N ASP A 414 3.11 15.27 10.90
CA ASP A 414 2.63 14.40 9.81
C ASP A 414 1.26 13.86 10.16
N ALA A 415 0.24 14.27 9.43
CA ALA A 415 -1.18 13.92 9.69
C ALA A 415 -1.39 12.42 9.79
N ARG A 416 -0.52 11.64 9.19
CA ARG A 416 -0.69 10.18 9.19
C ARG A 416 -0.49 9.60 10.60
N VAL A 417 0.18 10.31 11.52
CA VAL A 417 0.36 9.73 12.89
C VAL A 417 -0.90 9.90 13.72
N CYS A 418 -1.94 10.55 13.22
CA CYS A 418 -3.18 10.75 14.00
C CYS A 418 -4.39 10.74 13.09
N SER A 419 -4.35 9.99 11.99
CA SER A 419 -5.44 10.03 10.98
C SER A 419 -6.66 9.25 11.51
N ASP A 420 -6.46 8.39 12.50
CA ASP A 420 -7.56 7.65 13.17
C ASP A 420 -7.13 7.31 14.60
N HIS A 421 -8.04 6.76 15.41
CA HIS A 421 -7.78 6.45 16.85
C HIS A 421 -6.55 5.54 16.93
N ALA A 422 -6.49 4.50 16.11
CA ALA A 422 -5.37 3.52 16.19
C ALA A 422 -4.02 4.21 15.92
N ALA A 423 -3.98 5.07 14.92
CA ALA A 423 -2.73 5.79 14.56
C ALA A 423 -2.29 6.66 15.74
N LEU A 424 -3.19 7.44 16.32
CA LEU A 424 -2.87 8.34 17.44
C LEU A 424 -2.39 7.49 18.62
N LYS A 425 -3.05 6.37 18.89
CA LYS A 425 -2.67 5.50 20.03
C LYS A 425 -1.21 5.08 19.82
N SER A 426 -0.88 4.68 18.60
CA SER A 426 0.49 4.21 18.29
C SER A 426 1.47 5.36 18.48
N PHE A 427 1.11 6.55 18.00
CA PHE A 427 2.06 7.68 18.08
C PHE A 427 2.25 8.11 19.55
N LYS A 428 1.18 8.07 20.32
CA LYS A 428 1.27 8.35 21.77
C LYS A 428 2.23 7.39 22.43
N GLU A 429 2.19 6.11 22.06
CA GLU A 429 3.10 5.07 22.62
C GLU A 429 4.51 5.42 22.22
N PHE A 430 4.67 5.87 20.99
CA PHE A 430 6.02 6.28 20.52
C PHE A 430 6.53 7.47 21.30
N ALA A 431 5.73 8.52 21.45
CA ALA A 431 6.15 9.74 22.14
C ALA A 431 6.53 9.45 23.60
N ALA A 432 5.89 8.44 24.18
CA ALA A 432 6.09 8.01 25.59
C ALA A 432 7.32 7.10 25.76
N GLY A 433 7.98 6.72 24.67
CA GLY A 433 9.21 5.92 24.75
C GLY A 433 8.89 4.45 24.84
N LYS A 434 7.67 4.03 24.45
CA LYS A 434 7.23 2.65 24.71
C LYS A 434 7.67 1.68 23.60
N ARG A 435 8.28 2.20 22.53
CA ARG A 435 8.93 1.30 21.52
C ARG A 435 10.05 2.07 20.86
C1 EDO B . 0.18 -3.58 3.49
O1 EDO B . 0.54 -2.32 4.01
C2 EDO B . -0.78 -4.27 4.37
O2 EDO B . -0.15 -5.21 5.21
P PO4 C . -5.17 -11.78 -12.21
O1 PO4 C . -3.94 -12.13 -11.33
O2 PO4 C . -4.72 -11.47 -13.66
O3 PO4 C . -5.91 -10.55 -11.62
O4 PO4 C . -6.17 -12.96 -12.28
P PO4 D . -2.73 6.40 4.81
O1 PO4 D . -1.23 6.52 5.14
O2 PO4 D . -3.55 7.03 5.96
O3 PO4 D . -3.03 7.15 3.50
O4 PO4 D . -3.09 4.92 4.63
C1 MPD E . 9.44 1.68 4.06
C2 MPD E . 9.77 0.50 4.95
O2 MPD E . 8.82 0.63 6.04
CM MPD E . 9.53 -0.83 4.24
C3 MPD E . 11.22 0.56 5.45
C4 MPD E . 11.52 0.15 6.85
O4 MPD E . 10.49 -0.63 7.47
C5 MPD E . 12.87 -0.47 7.00
N1 UQM F . 6.05 16.62 -4.39
C4 UQM F . 10.08 17.91 -2.87
C5 UQM F . 8.72 18.09 -2.72
C6 UQM F . 7.85 18.29 -3.94
C7 UQM F . 7.37 16.96 -4.51
C8 UQM F . 8.18 18.17 -1.42
N UQM F . 11.34 17.92 0.64
C UQM F . 10.04 16.88 2.38
O UQM F . 12.20 17.61 2.75
C1 UQM F . 11.26 17.48 1.94
C2 UQM F . 10.38 17.90 -0.42
C3 UQM F . 10.92 17.81 -1.75
C9 UQM F . 8.99 18.07 -0.28
O1 UQM F . 8.10 16.19 -5.06
#